data_7N0X
#
_entry.id   7N0X
#
_cell.length_a   81.512
_cell.length_b   71.865
_cell.length_c   87.740
_cell.angle_alpha   90.00
_cell.angle_beta   111.42
_cell.angle_gamma   90.00
#
_symmetry.space_group_name_H-M   'C 1 2 1'
#
loop_
_entity.id
_entity.type
_entity.pdbx_description
1 polymer 'Rhesusized RV144 DH827 heavy chain Fab fragment'
2 polymer 'Rhesusized RV144 DH827 light chain'
3 polymer 'Glycoprotein 120'
4 non-polymer DI(HYDROXYETHYL)ETHER
5 water water
#
loop_
_entity_poly.entity_id
_entity_poly.type
_entity_poly.pdbx_seq_one_letter_code
_entity_poly.pdbx_strand_id
1 'polypeptide(L)'
;DEVQLVESGGGLVQPGGSLRLSCAASGFTFSNCAMHWVRQAPGKGLEWVAVISYHGSNKYYADYVKGRFTISRDNSKNML
YLQMNNLKLEDTAVYYCAREGGAPSGWALDYWGQGVLVTVSSASTKGPSVFPLAPSSRSTSESTAALGCLVKDYFPEPVT
VSWNSGSLTSGVHTFPAVLQSSGLYSLSSVVTVPSSSLGTQTYVCNVNHKPSNTKVDKRVEIKTCGG
;
H
2 'polypeptide(L)'
;DSYELTQSPSVSVSPGQPASITCSGDKLGDKYACWYQQKPGQVPVLVIYEDTKRPSGIPERFSGSNSGNTATLTISGVEA
GDEADYYCQAWDSITHVVFGGGTRLTVLGQPKASPTVTLFPPSSEELQANKATLVCLISDFYPGVVKVAWKADGSAVNAG
VETTTPSKQSNNKYAASSYLSLTSDQWKSHKSYSCQVTHEGSTVEKTVAPAECS
;
L
3 'polypeptide(L)' DKKQKVHALFYKLDIVPI G
#
# COMPACT_ATOMS: atom_id res chain seq x y z
N GLU A 2 -18.56 -12.81 -8.22
CA GLU A 2 -19.08 -11.50 -7.85
C GLU A 2 -18.82 -11.25 -6.37
N VAL A 3 -17.93 -12.06 -5.79
CA VAL A 3 -17.63 -11.94 -4.37
C VAL A 3 -17.15 -10.52 -4.05
N GLN A 4 -17.61 -9.99 -2.93
CA GLN A 4 -17.14 -8.71 -2.41
C GLN A 4 -16.93 -8.83 -0.91
N LEU A 5 -15.88 -8.18 -0.43
CA LEU A 5 -15.56 -8.09 1.00
C LEU A 5 -15.19 -6.65 1.28
N VAL A 6 -16.07 -5.92 1.96
CA VAL A 6 -15.89 -4.49 2.22
C VAL A 6 -15.65 -4.31 3.71
N GLU A 7 -14.50 -3.74 4.06
CA GLU A 7 -14.14 -3.56 5.47
C GLU A 7 -14.37 -2.12 5.95
N SER A 8 -14.47 -1.98 7.27
CA SER A 8 -14.51 -0.70 7.94
C SER A 8 -13.99 -0.86 9.36
N GLY A 9 -13.76 0.28 10.03
CA GLY A 9 -13.46 0.32 11.44
C GLY A 9 -12.02 0.61 11.85
N GLY A 10 -11.16 1.03 10.92
CA GLY A 10 -9.80 1.35 11.29
C GLY A 10 -9.66 2.70 11.95
N GLY A 11 -8.42 3.06 12.26
CA GLY A 11 -8.13 4.39 12.75
C GLY A 11 -7.00 4.36 13.77
N LEU A 12 -6.95 5.44 14.55
CA LEU A 12 -5.90 5.66 15.52
C LEU A 12 -6.35 5.16 16.88
N VAL A 13 -5.45 4.50 17.61
CA VAL A 13 -5.74 4.09 18.98
C VAL A 13 -4.46 4.09 19.79
N GLN A 14 -4.60 4.36 21.10
CA GLN A 14 -3.45 4.46 21.98
C GLN A 14 -3.02 3.09 22.46
N PRO A 15 -1.73 2.92 22.80
CA PRO A 15 -1.28 1.65 23.40
C PRO A 15 -2.18 1.28 24.56
N GLY A 16 -2.61 0.01 24.59
CA GLY A 16 -3.56 -0.46 25.57
C GLY A 16 -5.01 -0.31 25.17
N GLY A 17 -5.31 0.39 24.09
CA GLY A 17 -6.68 0.62 23.69
C GLY A 17 -7.29 -0.54 22.94
N SER A 18 -8.50 -0.30 22.42
CA SER A 18 -9.33 -1.32 21.80
C SER A 18 -9.97 -0.76 20.54
N LEU A 19 -10.23 -1.65 19.60
CA LEU A 19 -10.82 -1.30 18.32
C LEU A 19 -11.53 -2.52 17.78
N ARG A 20 -12.61 -2.29 17.03
CA ARG A 20 -13.37 -3.37 16.39
C ARG A 20 -13.38 -3.16 14.88
N LEU A 21 -12.96 -4.19 14.15
CA LEU A 21 -12.99 -4.18 12.70
C LEU A 21 -14.20 -4.95 12.18
N SER A 22 -14.69 -4.53 11.02
CA SER A 22 -15.86 -5.16 10.40
C SER A 22 -15.57 -5.49 8.95
N CYS A 23 -16.15 -6.58 8.48
CA CYS A 23 -15.97 -7.04 7.11
C CYS A 23 -17.33 -7.51 6.61
N ALA A 24 -17.91 -6.75 5.67
CA ALA A 24 -19.21 -7.09 5.10
C ALA A 24 -19.01 -7.92 3.84
N ALA A 25 -19.68 -9.08 3.78
CA ALA A 25 -19.54 -9.98 2.65
C ALA A 25 -20.81 -9.98 1.80
N SER A 26 -20.63 -10.26 0.51
CA SER A 26 -21.71 -10.30 -0.47
C SER A 26 -21.22 -11.07 -1.68
N GLY A 27 -22.18 -11.59 -2.46
CA GLY A 27 -21.86 -12.31 -3.68
C GLY A 27 -21.58 -13.79 -3.54
N PHE A 28 -21.70 -14.35 -2.33
CA PHE A 28 -21.47 -15.77 -2.09
C PHE A 28 -22.19 -16.19 -0.82
N THR A 29 -22.41 -17.49 -0.68
CA THR A 29 -23.03 -17.98 0.55
C THR A 29 -22.03 -17.91 1.69
N PHE A 30 -22.05 -16.78 2.40
CA PHE A 30 -21.09 -16.49 3.46
C PHE A 30 -21.06 -17.59 4.51
N SER A 31 -22.24 -18.09 4.89
CA SER A 31 -22.31 -19.00 6.04
C SER A 31 -21.73 -20.37 5.75
N ASN A 32 -21.31 -20.63 4.51
CA ASN A 32 -20.68 -21.90 4.19
C ASN A 32 -19.16 -21.84 4.22
N CYS A 33 -18.56 -20.68 4.46
CA CYS A 33 -17.12 -20.49 4.30
C CYS A 33 -16.46 -20.12 5.62
N ALA A 34 -15.30 -20.73 5.89
CA ALA A 34 -14.42 -20.19 6.92
C ALA A 34 -13.88 -18.83 6.47
N MET A 35 -13.51 -18.01 7.45
CA MET A 35 -13.07 -16.64 7.15
C MET A 35 -11.83 -16.31 7.96
N HIS A 36 -10.95 -15.50 7.36
CA HIS A 36 -9.68 -15.17 7.98
C HIS A 36 -9.55 -13.67 8.22
N TRP A 37 -8.66 -13.31 9.14
CA TRP A 37 -8.04 -12.00 9.18
C TRP A 37 -6.54 -12.18 9.01
N VAL A 38 -5.94 -11.27 8.24
CA VAL A 38 -4.50 -11.21 7.97
C VAL A 38 -4.10 -9.74 8.06
N ARG A 39 -2.85 -9.49 8.47
CA ARG A 39 -2.40 -8.11 8.64
C ARG A 39 -1.06 -7.90 7.94
N GLN A 40 -0.78 -6.62 7.64
CA GLN A 40 0.43 -6.24 6.91
C GLN A 40 0.88 -4.88 7.45
N ALA A 41 2.02 -4.85 8.13
CA ALA A 41 2.56 -3.59 8.59
C ALA A 41 3.06 -2.80 7.38
N PRO A 42 2.95 -1.46 7.41
CA PRO A 42 3.29 -0.68 6.21
C PRO A 42 4.69 -1.02 5.72
N GLY A 43 4.80 -1.41 4.45
CA GLY A 43 6.07 -1.78 3.87
C GLY A 43 6.64 -3.09 4.33
N LYS A 44 5.84 -3.92 5.00
CA LYS A 44 6.29 -5.22 5.49
C LYS A 44 5.46 -6.31 4.83
N GLY A 45 5.65 -7.55 5.31
CA GLY A 45 4.99 -8.71 4.72
C GLY A 45 3.67 -9.08 5.38
N LEU A 46 3.05 -10.10 4.81
CA LEU A 46 1.75 -10.56 5.28
C LEU A 46 1.95 -11.40 6.54
N GLU A 47 1.01 -11.28 7.49
CA GLU A 47 1.07 -12.03 8.74
C GLU A 47 -0.34 -12.44 9.14
N TRP A 48 -0.55 -13.75 9.28
CA TRP A 48 -1.88 -14.26 9.61
C TRP A 48 -2.27 -13.83 11.02
N VAL A 49 -3.57 -13.58 11.23
CA VAL A 49 -4.11 -13.18 12.54
C VAL A 49 -5.01 -14.27 13.14
N ALA A 50 -6.04 -14.69 12.40
CA ALA A 50 -7.05 -15.58 12.97
C ALA A 50 -7.93 -16.17 11.87
N VAL A 51 -8.62 -17.26 12.21
CA VAL A 51 -9.59 -17.88 11.32
C VAL A 51 -10.78 -18.33 12.16
N ILE A 52 -11.95 -18.41 11.52
CA ILE A 52 -13.15 -18.86 12.21
C ILE A 52 -13.92 -19.80 11.31
N SER A 53 -14.57 -20.79 11.91
CA SER A 53 -15.28 -21.82 11.16
C SER A 53 -16.57 -21.26 10.55
N TYR A 54 -17.05 -21.96 9.51
CA TYR A 54 -18.22 -21.50 8.76
C TYR A 54 -19.38 -21.14 9.68
N HIS A 55 -19.66 -21.96 10.70
CA HIS A 55 -20.75 -21.66 11.60
C HIS A 55 -20.28 -21.16 12.96
N GLY A 56 -19.01 -20.79 13.07
CA GLY A 56 -18.56 -19.91 14.13
C GLY A 56 -18.12 -20.59 15.40
N SER A 57 -18.17 -21.91 15.49
CA SER A 57 -17.73 -22.60 16.70
C SER A 57 -16.24 -22.44 16.94
N ASN A 58 -15.42 -23.01 16.05
CA ASN A 58 -13.99 -23.07 16.28
C ASN A 58 -13.30 -21.83 15.74
N LYS A 59 -12.39 -21.29 16.54
CA LYS A 59 -11.61 -20.11 16.22
C LYS A 59 -10.15 -20.41 16.55
N TYR A 60 -9.24 -19.98 15.69
CA TYR A 60 -7.82 -20.19 15.94
C TYR A 60 -7.09 -18.87 15.70
N TYR A 61 -6.00 -18.67 16.43
CA TYR A 61 -5.29 -17.38 16.45
C TYR A 61 -3.79 -17.58 16.31
N ALA A 62 -3.14 -16.57 15.75
CA ALA A 62 -1.67 -16.56 15.67
C ALA A 62 -1.04 -16.45 17.06
N ASP A 63 0.24 -16.81 17.13
CA ASP A 63 0.94 -16.90 18.40
C ASP A 63 0.99 -15.59 19.16
N TYR A 64 0.98 -14.46 18.44
CA TYR A 64 1.14 -13.18 19.14
C TYR A 64 -0.17 -12.66 19.71
N VAL A 65 -1.32 -13.23 19.35
CA VAL A 65 -2.58 -12.65 19.79
C VAL A 65 -2.74 -12.79 21.30
N LYS A 66 -2.48 -13.98 21.84
CA LYS A 66 -2.45 -14.21 23.28
C LYS A 66 -3.76 -13.77 23.97
N GLY A 67 -4.87 -14.19 23.39
CA GLY A 67 -6.17 -13.89 23.94
C GLY A 67 -6.65 -12.46 23.79
N ARG A 68 -5.84 -11.56 23.20
CA ARG A 68 -6.20 -10.15 23.17
C ARG A 68 -7.20 -9.82 22.06
N PHE A 69 -7.23 -10.60 20.99
CA PHE A 69 -8.15 -10.41 19.87
C PHE A 69 -9.20 -11.52 19.86
N THR A 70 -10.36 -11.21 19.30
CA THR A 70 -11.47 -12.15 19.24
C THR A 70 -12.14 -12.04 17.88
N ILE A 71 -12.15 -13.17 17.12
CA ILE A 71 -12.79 -13.21 15.81
C ILE A 71 -14.22 -13.71 15.99
N SER A 72 -15.16 -13.11 15.26
CA SER A 72 -16.56 -13.50 15.38
C SER A 72 -17.25 -13.25 14.05
N ARG A 73 -18.48 -13.75 13.92
CA ARG A 73 -19.22 -13.55 12.68
C ARG A 73 -20.71 -13.49 12.96
N ASP A 74 -21.44 -12.84 12.05
CA ASP A 74 -22.90 -12.80 12.07
C ASP A 74 -23.40 -13.31 10.74
N ASN A 75 -23.77 -14.59 10.67
CA ASN A 75 -24.18 -15.20 9.41
C ASN A 75 -25.54 -14.72 8.90
N SER A 76 -26.36 -14.09 9.76
CA SER A 76 -27.61 -13.53 9.26
C SER A 76 -27.41 -12.15 8.65
N LYS A 77 -26.33 -11.45 8.97
CA LYS A 77 -26.00 -10.17 8.34
C LYS A 77 -24.80 -10.27 7.39
N ASN A 78 -24.24 -11.46 7.21
CA ASN A 78 -23.05 -11.67 6.37
C ASN A 78 -21.92 -10.73 6.79
N MET A 79 -21.63 -10.74 8.09
CA MET A 79 -20.64 -9.86 8.69
C MET A 79 -19.59 -10.68 9.40
N LEU A 80 -18.34 -10.25 9.30
CA LEU A 80 -17.21 -10.80 10.01
C LEU A 80 -16.58 -9.68 10.83
N TYR A 81 -16.16 -10.00 12.05
CA TYR A 81 -15.61 -9.01 12.96
C TYR A 81 -14.27 -9.46 13.54
N LEU A 82 -13.46 -8.49 13.96
CA LEU A 82 -12.30 -8.74 14.80
C LEU A 82 -12.28 -7.67 15.89
N GLN A 83 -12.50 -8.08 17.14
CA GLN A 83 -12.38 -7.19 18.29
C GLN A 83 -10.94 -7.24 18.80
N MET A 84 -10.25 -6.10 18.80
CA MET A 84 -8.85 -6.05 19.21
C MET A 84 -8.72 -5.26 20.50
N ASN A 85 -8.20 -5.90 21.54
CA ASN A 85 -7.95 -5.24 22.82
C ASN A 85 -6.46 -5.26 23.17
N ASN A 86 -6.12 -4.48 24.19
CA ASN A 86 -4.75 -4.30 24.69
C ASN A 86 -3.74 -4.19 23.55
N LEU A 87 -3.98 -3.23 22.66
CA LEU A 87 -3.18 -3.09 21.45
C LEU A 87 -1.79 -2.53 21.79
N LYS A 88 -0.80 -2.97 21.01
CA LYS A 88 0.58 -2.56 21.21
C LYS A 88 1.07 -1.88 19.95
N LEU A 89 2.12 -1.06 20.09
CA LEU A 89 2.66 -0.34 18.94
C LEU A 89 2.92 -1.28 17.77
N GLU A 90 3.43 -2.49 18.05
CA GLU A 90 3.74 -3.43 16.97
C GLU A 90 2.49 -4.00 16.31
N ASP A 91 1.30 -3.66 16.79
CA ASP A 91 0.07 -4.12 16.13
C ASP A 91 -0.36 -3.20 15.00
N THR A 92 0.30 -2.04 14.86
CA THR A 92 0.04 -1.17 13.72
C THR A 92 0.21 -1.94 12.42
N ALA A 93 -0.82 -1.88 11.56
CA ALA A 93 -0.85 -2.66 10.32
C ALA A 93 -2.13 -2.37 9.56
N VAL A 94 -2.11 -2.67 8.26
CA VAL A 94 -3.34 -2.82 7.48
C VAL A 94 -3.90 -4.20 7.76
N TYR A 95 -5.19 -4.29 8.10
CA TYR A 95 -5.85 -5.55 8.40
C TYR A 95 -6.81 -5.91 7.27
N TYR A 96 -6.66 -7.11 6.73
CA TYR A 96 -7.53 -7.63 5.68
C TYR A 96 -8.39 -8.76 6.23
N CYS A 97 -9.60 -8.87 5.72
CA CYS A 97 -10.36 -10.12 5.85
C CYS A 97 -10.23 -10.89 4.55
N ALA A 98 -10.35 -12.22 4.64
CA ALA A 98 -10.15 -13.07 3.48
C ALA A 98 -11.02 -14.32 3.56
N ARG A 99 -11.58 -14.72 2.43
CA ARG A 99 -12.38 -15.93 2.37
C ARG A 99 -11.48 -17.16 2.26
N GLU A 100 -11.87 -18.25 2.91
CA GLU A 100 -11.18 -19.52 2.79
C GLU A 100 -11.82 -20.33 1.68
N GLY A 101 -11.00 -20.92 0.81
CA GLY A 101 -11.55 -21.72 -0.27
C GLY A 101 -10.82 -23.03 -0.53
N GLY A 102 -9.77 -23.30 0.24
CA GLY A 102 -9.04 -24.55 0.05
C GLY A 102 -9.45 -25.67 1.01
N ALA A 103 -9.78 -25.31 2.25
CA ALA A 103 -10.04 -26.32 3.26
C ALA A 103 -11.17 -27.25 2.82
N PRO A 104 -11.05 -28.57 3.04
CA PRO A 104 -10.01 -29.25 3.82
C PRO A 104 -8.70 -29.56 3.08
N SER A 105 -8.59 -29.21 1.81
CA SER A 105 -7.35 -29.47 1.05
C SER A 105 -6.37 -28.31 1.22
N GLY A 106 -5.95 -28.10 2.47
CA GLY A 106 -5.05 -27.03 2.80
C GLY A 106 -5.77 -25.70 2.92
N TRP A 107 -5.01 -24.68 3.33
CA TRP A 107 -5.52 -23.32 3.32
C TRP A 107 -5.42 -22.75 1.91
N ALA A 108 -6.39 -21.91 1.55
CA ALA A 108 -6.26 -21.07 0.35
C ALA A 108 -7.16 -19.86 0.56
N LEU A 109 -6.55 -18.68 0.66
CA LEU A 109 -7.27 -17.43 0.88
C LEU A 109 -7.58 -16.87 -0.50
N ASP A 110 -8.77 -17.20 -1.03
CA ASP A 110 -9.02 -16.97 -2.44
C ASP A 110 -9.61 -15.60 -2.76
N TYR A 111 -10.08 -14.84 -1.76
CA TYR A 111 -10.51 -13.48 -2.01
C TYR A 111 -10.21 -12.62 -0.78
N TRP A 112 -9.73 -11.40 -1.02
CA TRP A 112 -9.29 -10.52 0.06
C TRP A 112 -10.05 -9.19 0.04
N GLY A 113 -10.40 -8.71 1.24
CA GLY A 113 -10.97 -7.37 1.35
C GLY A 113 -9.95 -6.28 1.06
N GLN A 114 -10.44 -5.05 1.03
CA GLN A 114 -9.60 -3.94 0.57
C GLN A 114 -8.62 -3.47 1.62
N GLY A 115 -8.81 -3.83 2.88
CA GLY A 115 -7.87 -3.48 3.92
C GLY A 115 -8.19 -2.15 4.61
N VAL A 116 -8.00 -2.10 5.92
CA VAL A 116 -8.14 -0.86 6.68
C VAL A 116 -6.93 -0.75 7.59
N LEU A 117 -6.49 0.49 7.81
CA LEU A 117 -5.28 0.75 8.56
C LEU A 117 -5.60 0.96 10.04
N VAL A 118 -4.87 0.27 10.90
CA VAL A 118 -4.94 0.42 12.34
C VAL A 118 -3.60 0.97 12.81
N THR A 119 -3.59 2.20 13.34
CA THR A 119 -2.39 2.84 13.83
C THR A 119 -2.42 2.87 15.36
N VAL A 120 -1.44 2.25 16.00
CA VAL A 120 -1.31 2.27 17.46
C VAL A 120 -0.18 3.22 17.81
N SER A 121 -0.51 4.29 18.53
CA SER A 121 0.45 5.37 18.77
C SER A 121 0.02 6.18 19.98
N SER A 122 1.00 6.65 20.74
CA SER A 122 0.75 7.58 21.85
C SER A 122 0.61 9.03 21.38
N ALA A 123 0.80 9.31 20.10
CA ALA A 123 0.71 10.69 19.61
C ALA A 123 -0.75 11.04 19.29
N SER A 124 -1.07 12.33 19.41
CA SER A 124 -2.42 12.80 19.12
C SER A 124 -2.68 12.90 17.63
N THR A 125 -3.96 12.78 17.25
CA THR A 125 -4.34 13.05 15.89
C THR A 125 -4.19 14.55 15.59
N LYS A 126 -3.85 14.85 14.34
CA LYS A 126 -3.70 16.24 13.91
C LYS A 126 -4.23 16.36 12.49
N GLY A 127 -5.18 17.28 12.30
CA GLY A 127 -5.75 17.52 10.99
C GLY A 127 -4.85 18.39 10.13
N PRO A 128 -4.90 18.17 8.83
CA PRO A 128 -3.99 18.89 7.93
C PRO A 128 -4.48 20.29 7.60
N SER A 129 -3.52 21.15 7.25
CA SER A 129 -3.80 22.37 6.51
C SER A 129 -3.76 22.05 5.02
N VAL A 130 -4.72 22.59 4.28
CA VAL A 130 -4.83 22.33 2.85
C VAL A 130 -4.57 23.63 2.10
N PHE A 131 -3.56 23.62 1.24
CA PHE A 131 -3.19 24.80 0.50
C PHE A 131 -3.27 24.54 -1.01
N PRO A 132 -3.72 25.52 -1.79
CA PRO A 132 -3.78 25.31 -3.24
C PRO A 132 -2.39 25.38 -3.83
N LEU A 133 -2.15 24.56 -4.86
CA LEU A 133 -0.90 24.57 -5.62
C LEU A 133 -1.24 25.12 -7.00
N ALA A 134 -1.07 26.44 -7.16
CA ALA A 134 -1.54 27.08 -8.37
C ALA A 134 -0.47 27.00 -9.47
N PRO A 135 -0.90 26.76 -10.70
CA PRO A 135 0.05 26.73 -11.82
C PRO A 135 0.70 28.08 -12.06
N SER A 136 1.89 28.03 -12.65
CA SER A 136 2.54 29.24 -13.14
C SER A 136 3.31 28.90 -14.40
N SER A 137 4.51 28.35 -14.22
CA SER A 137 5.33 27.69 -15.27
C SER A 137 5.28 28.37 -16.65
N GLU A 142 3.66 25.18 -21.69
CA GLU A 142 2.52 25.69 -20.95
C GLU A 142 1.20 25.49 -21.71
N SER A 143 1.10 24.44 -22.53
CA SER A 143 -0.19 24.08 -23.12
C SER A 143 -1.02 23.19 -22.20
N THR A 144 -0.37 22.42 -21.32
CA THR A 144 -1.04 21.84 -20.17
C THR A 144 -0.45 22.45 -18.92
N ALA A 145 -1.22 22.40 -17.84
CA ALA A 145 -0.82 23.00 -16.58
C ALA A 145 -1.06 21.98 -15.48
N ALA A 146 -0.14 21.94 -14.52
CA ALA A 146 -0.35 21.16 -13.32
C ALA A 146 -0.87 22.09 -12.23
N LEU A 147 -1.95 21.68 -11.58
CA LEU A 147 -2.41 22.36 -10.40
C LEU A 147 -2.73 21.31 -9.36
N GLY A 148 -2.80 21.71 -8.10
CA GLY A 148 -2.89 20.69 -7.09
C GLY A 148 -3.27 21.24 -5.73
N CYS A 149 -3.15 20.37 -4.72
CA CYS A 149 -3.41 20.69 -3.32
C CYS A 149 -2.31 20.07 -2.46
N LEU A 150 -1.78 20.86 -1.54
CA LEU A 150 -0.82 20.39 -0.56
C LEU A 150 -1.57 20.09 0.74
N VAL A 151 -1.48 18.86 1.21
CA VAL A 151 -2.13 18.43 2.44
C VAL A 151 -1.01 18.36 3.48
N LYS A 152 -0.94 19.35 4.35
CA LYS A 152 0.29 19.62 5.11
C LYS A 152 0.12 19.26 6.59
N ASP A 153 1.03 18.43 7.11
CA ASP A 153 1.24 18.27 8.54
C ASP A 153 0.06 17.61 9.25
N TYR A 154 -0.25 16.36 8.91
CA TYR A 154 -1.34 15.64 9.57
C TYR A 154 -0.85 14.36 10.21
N PHE A 155 -1.70 13.76 11.07
CA PHE A 155 -1.37 12.49 11.69
C PHE A 155 -2.65 11.85 12.20
N PRO A 156 -2.86 10.54 12.01
CA PRO A 156 -2.01 9.64 11.24
C PRO A 156 -2.46 9.53 9.80
N GLU A 157 -1.85 8.61 9.05
CA GLU A 157 -2.43 8.19 7.79
C GLU A 157 -3.79 7.54 8.09
N PRO A 158 -4.69 7.49 7.09
CA PRO A 158 -4.58 7.96 5.71
C PRO A 158 -5.35 9.23 5.44
N VAL A 159 -5.00 9.88 4.34
CA VAL A 159 -5.78 10.96 3.77
C VAL A 159 -6.23 10.51 2.37
N THR A 160 -7.47 10.82 2.01
CA THR A 160 -7.92 10.61 0.64
C THR A 160 -8.15 11.94 -0.04
N VAL A 161 -7.91 12.00 -1.35
CA VAL A 161 -8.11 13.22 -2.11
C VAL A 161 -8.82 12.88 -3.42
N SER A 162 -9.90 13.58 -3.70
CA SER A 162 -10.55 13.54 -5.00
C SER A 162 -10.56 14.95 -5.60
N TRP A 163 -10.96 15.03 -6.87
CA TRP A 163 -11.10 16.30 -7.56
C TRP A 163 -12.50 16.45 -8.11
N ASN A 164 -13.04 17.66 -7.98
CA ASN A 164 -14.41 17.99 -8.40
C ASN A 164 -15.40 16.90 -7.95
N SER A 165 -15.27 16.47 -6.69
CA SER A 165 -16.16 15.51 -6.06
C SER A 165 -16.11 14.13 -6.73
N GLY A 166 -15.00 13.83 -7.41
CA GLY A 166 -14.85 12.57 -8.11
C GLY A 166 -15.14 12.63 -9.60
N SER A 167 -15.68 13.75 -10.08
CA SER A 167 -15.93 13.89 -11.52
C SER A 167 -14.63 13.92 -12.32
N LEU A 168 -13.55 14.42 -11.73
CA LEU A 168 -12.29 14.60 -12.42
C LEU A 168 -11.34 13.50 -11.97
N THR A 169 -10.95 12.63 -12.90
CA THR A 169 -10.10 11.50 -12.57
C THR A 169 -8.90 11.40 -13.51
N SER A 170 -9.07 11.88 -14.74
CA SER A 170 -8.01 11.81 -15.73
C SER A 170 -6.90 12.82 -15.43
N GLY A 171 -5.66 12.33 -15.38
CA GLY A 171 -4.53 13.20 -15.11
C GLY A 171 -4.33 13.55 -13.65
N VAL A 172 -4.97 12.82 -12.74
CA VAL A 172 -4.84 13.04 -11.31
C VAL A 172 -3.72 12.15 -10.78
N HIS A 173 -2.82 12.74 -10.01
CA HIS A 173 -1.75 11.96 -9.36
C HIS A 173 -1.64 12.41 -7.92
N THR A 174 -2.00 11.54 -7.00
CA THR A 174 -1.85 11.78 -5.58
C THR A 174 -0.61 11.03 -5.12
N PHE A 175 0.40 11.78 -4.66
CA PHE A 175 1.70 11.22 -4.31
C PHE A 175 1.69 10.60 -2.91
N PRO A 176 2.45 9.52 -2.70
CA PRO A 176 2.64 9.01 -1.33
C PRO A 176 3.16 10.09 -0.39
N ALA A 177 2.69 10.03 0.86
CA ALA A 177 3.05 11.04 1.85
C ALA A 177 4.50 10.93 2.28
N VAL A 178 5.05 12.08 2.68
CA VAL A 178 6.33 12.15 3.37
C VAL A 178 6.06 12.21 4.86
N LEU A 179 6.90 11.52 5.63
CA LEU A 179 6.87 11.57 7.09
C LEU A 179 8.06 12.41 7.54
N GLN A 180 7.78 13.61 8.04
CA GLN A 180 8.85 14.50 8.47
C GLN A 180 9.36 14.11 9.86
N SER A 181 10.48 14.73 10.24
CA SER A 181 11.07 14.51 11.56
C SER A 181 10.14 14.97 12.68
N SER A 182 9.20 15.86 12.37
CA SER A 182 8.17 16.28 13.32
C SER A 182 7.27 15.14 13.76
N GLY A 183 7.26 14.04 13.02
CA GLY A 183 6.28 13.00 13.23
C GLY A 183 4.98 13.23 12.49
N LEU A 184 4.88 14.31 11.73
CA LEU A 184 3.69 14.63 10.94
C LEU A 184 3.91 14.36 9.45
N TYR A 185 2.83 13.92 8.79
CA TYR A 185 2.84 13.61 7.36
C TYR A 185 2.44 14.82 6.53
N SER A 186 2.96 14.88 5.30
CA SER A 186 2.41 15.78 4.29
C SER A 186 2.30 15.01 2.97
N LEU A 187 1.30 15.37 2.16
CA LEU A 187 1.23 14.84 0.81
C LEU A 187 0.70 15.90 -0.14
N SER A 188 0.84 15.64 -1.43
CA SER A 188 0.32 16.49 -2.48
C SER A 188 -0.45 15.67 -3.49
N SER A 189 -1.46 16.29 -4.09
CA SER A 189 -2.23 15.67 -5.16
C SER A 189 -2.30 16.68 -6.30
N VAL A 190 -1.99 16.22 -7.51
CA VAL A 190 -1.84 17.08 -8.68
C VAL A 190 -2.75 16.57 -9.78
N VAL A 191 -3.36 17.51 -10.51
CA VAL A 191 -4.12 17.18 -11.70
C VAL A 191 -3.55 18.01 -12.84
N THR A 192 -3.21 17.33 -13.93
CA THR A 192 -2.73 18.00 -15.15
C THR A 192 -3.92 18.25 -16.05
N VAL A 193 -4.10 19.51 -16.47
CA VAL A 193 -5.23 19.87 -17.30
C VAL A 193 -4.74 20.73 -18.46
N PRO A 194 -5.51 20.78 -19.55
CA PRO A 194 -5.24 21.78 -20.59
C PRO A 194 -5.18 23.19 -20.03
N SER A 195 -4.07 23.85 -20.33
CA SER A 195 -3.80 25.26 -19.91
C SER A 195 -4.57 26.16 -20.85
N SER A 196 -5.02 27.34 -20.36
CA SER A 196 -5.84 28.34 -21.09
C SER A 196 -7.26 27.81 -21.36
N SER A 197 -7.40 26.82 -22.24
CA SER A 197 -8.70 26.15 -22.56
C SER A 197 -9.46 25.87 -21.26
N LEU A 198 -8.80 25.31 -20.24
CA LEU A 198 -9.56 25.10 -18.99
C LEU A 198 -9.13 26.19 -18.00
N GLY A 199 -9.80 27.32 -18.10
CA GLY A 199 -9.95 28.28 -17.01
C GLY A 199 -11.44 28.54 -16.96
N THR A 200 -12.10 27.94 -17.96
CA THR A 200 -13.58 27.93 -18.04
C THR A 200 -14.09 26.90 -17.02
N GLN A 201 -13.21 26.11 -16.39
CA GLN A 201 -13.57 25.06 -15.46
C GLN A 201 -13.08 25.41 -14.07
N THR A 202 -13.87 25.07 -13.05
CA THR A 202 -13.44 25.21 -11.66
C THR A 202 -12.77 23.92 -11.22
N TYR A 203 -11.71 24.05 -10.43
CA TYR A 203 -10.96 22.91 -9.91
C TYR A 203 -10.98 22.99 -8.39
N VAL A 204 -11.41 21.91 -7.75
CA VAL A 204 -11.59 21.83 -6.31
C VAL A 204 -11.04 20.49 -5.86
N CYS A 205 -10.10 20.50 -4.94
CA CYS A 205 -9.68 19.24 -4.35
C CYS A 205 -10.49 18.97 -3.08
N ASN A 206 -10.91 17.73 -2.91
CA ASN A 206 -11.72 17.29 -1.78
C ASN A 206 -10.83 16.45 -0.90
N VAL A 207 -10.36 17.02 0.20
CA VAL A 207 -9.44 16.34 1.11
C VAL A 207 -10.26 15.82 2.29
N ASN A 208 -10.04 14.54 2.65
CA ASN A 208 -10.69 13.97 3.83
C ASN A 208 -9.64 13.27 4.68
N HIS A 209 -9.55 13.66 5.95
CA HIS A 209 -8.68 13.02 6.94
C HIS A 209 -9.59 12.56 8.07
N LYS A 210 -10.11 11.35 7.96
CA LYS A 210 -11.12 10.91 8.92
C LYS A 210 -10.65 10.85 10.37
N PRO A 211 -9.41 10.47 10.70
CA PRO A 211 -9.01 10.43 12.13
C PRO A 211 -9.18 11.75 12.86
N SER A 212 -9.01 12.87 12.17
CA SER A 212 -9.12 14.18 12.79
C SER A 212 -10.46 14.86 12.52
N ASN A 213 -11.41 14.18 11.89
CA ASN A 213 -12.67 14.81 11.53
C ASN A 213 -12.44 16.06 10.67
N THR A 214 -11.60 15.93 9.64
CA THR A 214 -11.24 17.04 8.76
C THR A 214 -11.68 16.71 7.35
N LYS A 215 -12.61 17.49 6.81
CA LYS A 215 -12.99 17.37 5.41
C LYS A 215 -13.01 18.76 4.80
N VAL A 216 -12.14 19.00 3.82
CA VAL A 216 -11.94 20.33 3.23
C VAL A 216 -12.05 20.23 1.72
N ASP A 217 -12.86 21.11 1.13
CA ASP A 217 -12.88 21.33 -0.31
C ASP A 217 -12.20 22.67 -0.60
N LYS A 218 -11.10 22.64 -1.34
CA LYS A 218 -10.30 23.82 -1.62
C LYS A 218 -10.36 24.12 -3.11
N ARG A 219 -10.86 25.31 -3.46
CA ARG A 219 -10.76 25.75 -4.85
C ARG A 219 -9.31 26.11 -5.17
N VAL A 220 -8.91 25.80 -6.39
CA VAL A 220 -7.56 26.09 -6.89
C VAL A 220 -7.72 27.00 -8.11
N GLU A 221 -7.37 28.27 -7.95
CA GLU A 221 -7.46 29.25 -9.02
C GLU A 221 -6.11 29.94 -9.20
N ILE A 222 -6.00 30.76 -10.24
CA ILE A 222 -4.75 31.49 -10.54
C ILE A 222 -4.15 32.17 -9.31
N SER B 2 8.61 -20.20 16.11
CA SER B 2 7.56 -20.51 15.15
C SER B 2 8.04 -21.49 14.09
N TYR B 3 7.41 -21.48 12.92
CA TYR B 3 7.79 -22.37 11.84
C TYR B 3 8.92 -21.78 11.01
N GLU B 4 8.69 -21.46 9.74
CA GLU B 4 9.81 -21.18 8.85
C GLU B 4 9.44 -20.40 7.60
N LEU B 5 9.37 -21.12 6.48
CA LEU B 5 9.13 -20.59 5.13
C LEU B 5 10.14 -19.52 4.76
N THR B 6 11.24 -19.96 4.17
CA THR B 6 12.33 -19.10 3.74
C THR B 6 12.13 -18.73 2.27
N GLN B 7 12.07 -17.44 2.00
CA GLN B 7 11.96 -16.88 0.66
C GLN B 7 13.09 -15.87 0.45
N SER B 8 13.69 -15.87 -0.72
CA SER B 8 14.66 -14.84 -1.05
C SER B 8 13.95 -13.50 -1.16
N PRO B 9 14.44 -12.45 -0.50
CA PRO B 9 13.69 -11.18 -0.50
C PRO B 9 13.58 -10.51 -1.88
N SER B 10 14.55 -10.72 -2.77
CA SER B 10 14.56 -10.07 -4.07
C SER B 10 14.99 -11.07 -5.15
N VAL B 11 14.25 -11.11 -6.25
CA VAL B 11 14.60 -11.92 -7.42
C VAL B 11 14.50 -11.06 -8.68
N SER B 12 15.47 -11.21 -9.57
CA SER B 12 15.46 -10.53 -10.86
C SER B 12 15.39 -11.56 -11.97
N VAL B 13 14.62 -11.26 -13.03
CA VAL B 13 14.55 -12.10 -14.21
C VAL B 13 15.02 -11.28 -15.41
N SER B 14 15.89 -11.88 -16.25
CA SER B 14 16.46 -11.27 -17.44
C SER B 14 15.55 -11.48 -18.66
N PRO B 15 15.63 -10.57 -19.64
CA PRO B 15 14.78 -10.70 -20.84
C PRO B 15 14.80 -12.10 -21.42
N GLY B 16 13.62 -12.61 -21.75
CA GLY B 16 13.49 -13.92 -22.34
C GLY B 16 13.49 -15.09 -21.38
N GLN B 17 13.85 -14.86 -20.04
CA GLN B 17 13.91 -16.00 -19.13
C GLN B 17 12.60 -16.15 -18.37
N PRO B 18 12.30 -17.36 -17.91
CA PRO B 18 11.21 -17.51 -16.94
C PRO B 18 11.68 -17.09 -15.55
N ALA B 19 10.73 -16.62 -14.76
CA ALA B 19 11.01 -16.28 -13.37
C ALA B 19 10.82 -17.51 -12.49
N SER B 20 11.65 -17.64 -11.46
CA SER B 20 11.58 -18.79 -10.57
C SER B 20 11.73 -18.28 -9.14
N ILE B 21 10.75 -18.58 -8.30
CA ILE B 21 10.69 -18.07 -6.93
C ILE B 21 10.53 -19.25 -6.00
N THR B 22 11.50 -19.47 -5.11
CA THR B 22 11.47 -20.63 -4.24
C THR B 22 11.03 -20.24 -2.82
N CYS B 23 10.66 -21.27 -2.08
CA CYS B 23 10.07 -21.14 -0.75
C CYS B 23 10.42 -22.44 -0.05
N SER B 24 11.26 -22.39 0.97
CA SER B 24 11.67 -23.62 1.62
C SER B 24 11.26 -23.65 3.08
N GLY B 25 10.97 -24.85 3.57
CA GLY B 25 10.61 -25.08 4.95
C GLY B 25 10.69 -26.56 5.29
N ASP B 26 11.09 -26.86 6.52
CA ASP B 26 11.14 -28.23 6.99
C ASP B 26 9.77 -28.87 6.89
N LYS B 27 9.70 -30.03 6.23
CA LYS B 27 8.46 -30.77 6.01
C LYS B 27 7.53 -30.10 4.99
N LEU B 28 7.99 -29.07 4.28
CA LEU B 28 7.08 -28.29 3.44
C LEU B 28 6.38 -29.18 2.41
N GLY B 29 7.05 -30.23 1.92
CA GLY B 29 6.47 -31.12 0.95
C GLY B 29 5.32 -31.96 1.48
N ASP B 30 5.20 -32.06 2.80
CA ASP B 30 4.04 -32.67 3.46
C ASP B 30 2.85 -31.73 3.56
N LYS B 31 3.01 -30.46 3.18
CA LYS B 31 1.93 -29.49 3.26
C LYS B 31 1.55 -28.99 1.87
N TYR B 32 0.39 -28.34 1.78
CA TYR B 32 0.02 -27.68 0.54
C TYR B 32 0.47 -26.22 0.57
N ALA B 33 1.17 -25.81 -0.47
CA ALA B 33 1.66 -24.44 -0.59
C ALA B 33 0.72 -23.63 -1.45
N CYS B 34 0.51 -22.37 -1.07
CA CYS B 34 -0.17 -21.38 -1.91
C CYS B 34 0.80 -20.25 -2.21
N TRP B 35 0.48 -19.49 -3.25
CA TRP B 35 1.29 -18.35 -3.67
C TRP B 35 0.35 -17.18 -3.91
N TYR B 36 0.73 -16.01 -3.38
CA TYR B 36 -0.03 -14.78 -3.50
C TYR B 36 0.83 -13.72 -4.18
N GLN B 37 0.21 -13.00 -5.11
CA GLN B 37 0.84 -11.89 -5.82
C GLN B 37 0.25 -10.61 -5.26
N GLN B 38 1.11 -9.66 -4.88
CA GLN B 38 0.65 -8.37 -4.40
C GLN B 38 1.35 -7.27 -5.19
N LYS B 39 0.63 -6.65 -6.11
CA LYS B 39 1.15 -5.51 -6.85
C LYS B 39 1.09 -4.25 -6.00
N PRO B 40 1.86 -3.22 -6.35
CA PRO B 40 1.95 -2.03 -5.48
C PRO B 40 0.60 -1.39 -5.24
N GLY B 41 0.30 -1.12 -3.96
CA GLY B 41 -0.95 -0.49 -3.58
C GLY B 41 -2.18 -1.35 -3.73
N GLN B 42 -2.03 -2.65 -3.96
CA GLN B 42 -3.15 -3.57 -4.20
C GLN B 42 -3.23 -4.60 -3.07
N VAL B 43 -4.37 -5.28 -3.00
CA VAL B 43 -4.51 -6.40 -2.05
C VAL B 43 -3.89 -7.66 -2.65
N PRO B 44 -3.49 -8.64 -1.83
CA PRO B 44 -2.95 -9.89 -2.38
C PRO B 44 -3.97 -10.61 -3.23
N VAL B 45 -3.47 -11.36 -4.21
CA VAL B 45 -4.32 -12.16 -5.09
C VAL B 45 -3.77 -13.59 -5.13
N LEU B 46 -4.66 -14.56 -4.88
CA LEU B 46 -4.28 -15.97 -4.93
C LEU B 46 -3.92 -16.37 -6.37
N VAL B 47 -2.71 -16.88 -6.60
CA VAL B 47 -2.29 -17.32 -7.93
C VAL B 47 -2.06 -18.83 -7.99
N ILE B 48 -1.63 -19.45 -6.90
CA ILE B 48 -1.50 -20.91 -6.85
C ILE B 48 -2.03 -21.43 -5.51
N TYR B 49 -2.74 -22.57 -5.55
CA TYR B 49 -3.09 -23.24 -4.32
C TYR B 49 -2.93 -24.74 -4.52
N GLU B 50 -2.95 -25.48 -3.41
CA GLU B 50 -2.76 -26.93 -3.41
C GLU B 50 -1.51 -27.31 -4.20
N ASP B 51 -0.41 -26.59 -3.92
CA ASP B 51 0.88 -26.79 -4.57
C ASP B 51 0.91 -26.35 -6.02
N THR B 52 -0.07 -26.79 -6.82
CA THR B 52 0.06 -26.70 -8.27
C THR B 52 -1.16 -26.13 -8.99
N LYS B 53 -2.23 -25.82 -8.29
CA LYS B 53 -3.50 -25.50 -8.94
C LYS B 53 -3.67 -23.99 -9.09
N ARG B 54 -4.34 -23.59 -10.17
CA ARG B 54 -4.57 -22.19 -10.50
C ARG B 54 -6.04 -21.87 -10.35
N PRO B 55 -6.39 -20.81 -9.61
CA PRO B 55 -7.77 -20.32 -9.64
C PRO B 55 -8.13 -19.89 -11.06
N SER B 56 -9.44 -19.89 -11.32
CA SER B 56 -9.92 -19.42 -12.61
C SER B 56 -9.52 -17.97 -12.83
N GLY B 57 -9.11 -17.65 -14.06
CA GLY B 57 -8.61 -16.33 -14.40
C GLY B 57 -7.12 -16.12 -14.14
N ILE B 58 -6.39 -17.13 -13.67
CA ILE B 58 -4.94 -17.06 -13.54
C ILE B 58 -4.32 -17.75 -14.75
N PRO B 59 -3.52 -17.05 -15.56
CA PRO B 59 -2.98 -17.67 -16.78
C PRO B 59 -2.12 -18.89 -16.47
N GLU B 60 -2.08 -19.82 -17.43
CA GLU B 60 -1.34 -21.06 -17.20
C GLU B 60 0.17 -20.87 -17.17
N ARG B 61 0.68 -19.71 -17.62
CA ARG B 61 2.11 -19.43 -17.49
C ARG B 61 2.56 -19.29 -16.05
N PHE B 62 1.63 -19.28 -15.10
CA PHE B 62 1.93 -19.37 -13.68
C PHE B 62 1.81 -20.83 -13.28
N SER B 63 2.90 -21.41 -12.76
CA SER B 63 2.89 -22.82 -12.35
C SER B 63 3.53 -22.95 -10.98
N GLY B 64 3.09 -23.95 -10.23
CA GLY B 64 3.56 -24.16 -8.89
C GLY B 64 3.93 -25.61 -8.68
N SER B 65 4.83 -25.83 -7.74
CA SER B 65 5.29 -27.17 -7.45
C SER B 65 5.76 -27.22 -6.00
N ASN B 66 5.80 -28.41 -5.46
CA ASN B 66 6.24 -28.62 -4.09
C ASN B 66 6.81 -30.03 -3.98
N SER B 67 8.09 -30.13 -3.58
CA SER B 67 8.74 -31.43 -3.47
C SER B 67 9.91 -31.27 -2.51
N GLY B 68 10.14 -32.31 -1.70
CA GLY B 68 11.16 -32.18 -0.67
C GLY B 68 10.77 -31.09 0.31
N ASN B 69 11.64 -30.11 0.48
CA ASN B 69 11.38 -29.00 1.40
C ASN B 69 11.13 -27.69 0.66
N THR B 70 10.84 -27.75 -0.64
CA THR B 70 10.87 -26.56 -1.49
C THR B 70 9.59 -26.45 -2.31
N ALA B 71 8.91 -25.32 -2.19
CA ALA B 71 7.83 -24.96 -3.09
C ALA B 71 8.36 -23.94 -4.09
N THR B 72 7.91 -24.03 -5.34
CA THR B 72 8.46 -23.13 -6.35
C THR B 72 7.33 -22.56 -7.19
N LEU B 73 7.32 -21.24 -7.32
CA LEU B 73 6.48 -20.54 -8.27
C LEU B 73 7.32 -20.23 -9.50
N THR B 74 6.83 -20.63 -10.69
CA THR B 74 7.49 -20.31 -11.95
C THR B 74 6.56 -19.50 -12.83
N ILE B 75 7.12 -18.49 -13.52
CA ILE B 75 6.37 -17.63 -14.44
C ILE B 75 7.07 -17.64 -15.79
N SER B 76 6.44 -18.25 -16.79
CA SER B 76 6.92 -18.11 -18.16
C SER B 76 6.25 -16.91 -18.82
N GLY B 77 6.74 -16.57 -20.01
CA GLY B 77 6.25 -15.42 -20.74
C GLY B 77 6.19 -14.17 -19.87
N VAL B 78 7.30 -13.89 -19.19
CA VAL B 78 7.34 -12.79 -18.23
C VAL B 78 7.07 -11.46 -18.91
N GLU B 79 6.20 -10.67 -18.29
CA GLU B 79 5.87 -9.32 -18.71
C GLU B 79 6.19 -8.33 -17.60
N ALA B 80 6.41 -7.08 -18.00
CA ALA B 80 6.65 -6.02 -17.03
C ALA B 80 5.55 -5.96 -15.98
N GLY B 81 4.32 -6.31 -16.35
CA GLY B 81 3.23 -6.30 -15.41
C GLY B 81 3.33 -7.35 -14.32
N ASP B 82 4.27 -8.30 -14.44
CA ASP B 82 4.45 -9.32 -13.43
C ASP B 82 5.31 -8.85 -12.26
N GLU B 83 5.85 -7.64 -12.32
CA GLU B 83 6.57 -7.12 -11.17
C GLU B 83 5.59 -6.91 -10.01
N ALA B 84 5.95 -7.47 -8.86
CA ALA B 84 5.06 -7.55 -7.71
C ALA B 84 5.83 -8.21 -6.59
N ASP B 85 5.24 -8.24 -5.41
CA ASP B 85 5.74 -9.04 -4.31
C ASP B 85 4.99 -10.36 -4.32
N TYR B 86 5.71 -11.49 -4.24
CA TYR B 86 5.10 -12.82 -4.27
C TYR B 86 5.31 -13.48 -2.91
N TYR B 87 4.22 -13.92 -2.28
CA TYR B 87 4.28 -14.56 -0.96
C TYR B 87 3.86 -16.02 -1.07
N CYS B 88 4.69 -16.92 -0.55
CA CYS B 88 4.24 -18.29 -0.39
C CYS B 88 3.60 -18.45 0.99
N GLN B 89 2.84 -19.52 1.15
CA GLN B 89 2.22 -19.79 2.46
C GLN B 89 1.91 -21.26 2.63
N ALA B 90 1.88 -21.68 3.88
CA ALA B 90 1.57 -23.07 4.20
C ALA B 90 1.07 -23.06 5.63
N TRP B 91 1.58 -23.93 6.49
CA TRP B 91 1.15 -23.91 7.89
C TRP B 91 2.26 -24.47 8.76
N ASP B 92 2.14 -24.17 10.04
CA ASP B 92 3.11 -24.60 11.08
C ASP B 92 2.67 -25.94 11.70
N SER B 93 3.28 -26.28 12.82
CA SER B 93 3.05 -27.60 13.46
C SER B 93 1.64 -27.81 13.98
N ILE B 94 0.87 -26.75 14.26
CA ILE B 94 -0.51 -27.02 14.72
C ILE B 94 -1.49 -26.56 13.66
N THR B 95 -1.07 -26.61 12.39
CA THR B 95 -1.94 -26.30 11.22
C THR B 95 -2.35 -24.82 11.17
N HIS B 96 -1.61 -23.91 11.81
CA HIS B 96 -1.89 -22.46 11.76
C HIS B 96 -1.22 -21.88 10.51
N VAL B 97 -1.91 -20.98 9.83
CA VAL B 97 -1.43 -20.36 8.58
C VAL B 97 -0.13 -19.60 8.80
N VAL B 98 0.83 -19.85 7.92
CA VAL B 98 2.13 -19.19 7.96
C VAL B 98 2.44 -18.69 6.56
N PHE B 99 2.97 -17.46 6.48
CA PHE B 99 3.44 -16.85 5.23
C PHE B 99 4.97 -16.81 5.17
N GLY B 100 5.52 -16.95 3.98
CA GLY B 100 6.91 -16.63 3.76
C GLY B 100 7.16 -15.13 3.84
N GLY B 101 8.44 -14.76 3.89
CA GLY B 101 8.86 -13.37 3.98
C GLY B 101 8.51 -12.53 2.77
N GLY B 102 8.18 -13.15 1.64
CA GLY B 102 7.88 -12.41 0.44
C GLY B 102 9.12 -12.23 -0.43
N THR B 103 8.91 -12.24 -1.75
CA THR B 103 9.96 -12.02 -2.73
C THR B 103 9.50 -10.92 -3.67
N ARG B 104 10.31 -9.87 -3.81
CA ARG B 104 10.04 -8.81 -4.76
C ARG B 104 10.68 -9.15 -6.11
N LEU B 105 9.87 -9.17 -7.16
CA LEU B 105 10.31 -9.61 -8.48
C LEU B 105 10.62 -8.38 -9.33
N THR B 106 11.85 -8.28 -9.81
CA THR B 106 12.23 -7.24 -10.77
C THR B 106 12.32 -7.85 -12.16
N VAL B 107 11.69 -7.21 -13.14
CA VAL B 107 11.75 -7.65 -14.52
C VAL B 107 12.74 -6.75 -15.25
N LEU B 108 13.88 -7.31 -15.63
CA LEU B 108 14.97 -6.52 -16.18
C LEU B 108 14.68 -6.14 -17.64
N GLY B 109 15.50 -5.23 -18.17
CA GLY B 109 15.42 -4.84 -19.55
C GLY B 109 14.36 -3.80 -19.87
N GLN B 110 13.68 -3.26 -18.87
CA GLN B 110 12.67 -2.24 -19.14
C GLN B 110 13.37 -0.93 -19.51
N PRO B 111 12.77 -0.16 -20.41
CA PRO B 111 13.44 1.05 -20.89
C PRO B 111 13.61 2.10 -19.81
N LYS B 112 14.72 2.83 -19.91
CA LYS B 112 14.94 3.97 -19.03
C LYS B 112 13.94 5.07 -19.35
N ALA B 113 13.60 5.84 -18.32
CA ALA B 113 12.69 6.97 -18.44
C ALA B 113 13.16 8.07 -17.51
N SER B 114 13.45 9.23 -18.09
CA SER B 114 13.84 10.39 -17.31
C SER B 114 12.67 10.94 -16.48
N PRO B 115 12.94 11.51 -15.32
CA PRO B 115 11.85 12.04 -14.49
C PRO B 115 11.23 13.30 -15.08
N THR B 116 9.91 13.40 -14.93
CA THR B 116 9.18 14.66 -15.05
C THR B 116 9.19 15.35 -13.69
N VAL B 117 9.56 16.64 -13.65
CA VAL B 117 9.71 17.38 -12.41
C VAL B 117 8.80 18.60 -12.43
N THR B 118 7.97 18.74 -11.40
CA THR B 118 7.05 19.87 -11.24
C THR B 118 7.33 20.54 -9.89
N LEU B 119 7.57 21.85 -9.91
CA LEU B 119 7.97 22.56 -8.70
C LEU B 119 6.95 23.65 -8.42
N PHE B 120 6.37 23.63 -7.20
CA PHE B 120 5.38 24.65 -6.83
C PHE B 120 5.96 25.58 -5.78
N PRO B 121 5.73 26.89 -5.91
CA PRO B 121 6.11 27.81 -4.85
C PRO B 121 5.09 27.77 -3.72
N PRO B 122 5.38 28.39 -2.57
CA PRO B 122 4.37 28.48 -1.51
C PRO B 122 3.15 29.26 -1.96
N SER B 123 1.99 28.85 -1.44
CA SER B 123 0.75 29.58 -1.70
C SER B 123 0.73 30.87 -0.90
N SER B 124 -0.06 31.84 -1.39
CA SER B 124 -0.28 33.06 -0.63
C SER B 124 -0.87 32.76 0.74
N GLU B 125 -1.79 31.79 0.80
CA GLU B 125 -2.40 31.40 2.06
C GLU B 125 -1.35 30.93 3.07
N GLU B 126 -0.42 30.07 2.65
CA GLU B 126 0.58 29.59 3.59
C GLU B 126 1.51 30.72 4.03
N LEU B 127 1.87 31.61 3.11
CA LEU B 127 2.75 32.73 3.46
C LEU B 127 2.11 33.63 4.50
N GLN B 128 0.79 33.85 4.40
CA GLN B 128 0.07 34.61 5.40
C GLN B 128 0.16 33.99 6.78
N ALA B 129 0.39 32.67 6.86
CA ALA B 129 0.64 31.99 8.11
C ALA B 129 2.13 31.90 8.44
N ASN B 130 2.97 32.74 7.82
CA ASN B 130 4.41 32.84 8.08
C ASN B 130 5.16 31.57 7.74
N LYS B 131 4.59 30.72 6.88
CA LYS B 131 5.25 29.51 6.45
C LYS B 131 5.38 29.50 4.92
N ALA B 132 6.23 28.62 4.41
CA ALA B 132 6.48 28.58 2.97
C ALA B 132 7.04 27.20 2.65
N THR B 133 6.20 26.34 2.10
CA THR B 133 6.63 25.01 1.68
C THR B 133 6.76 24.96 0.17
N LEU B 134 7.95 24.60 -0.30
CA LEU B 134 8.15 24.38 -1.72
C LEU B 134 7.96 22.88 -1.99
N VAL B 135 7.19 22.56 -3.03
CA VAL B 135 6.78 21.19 -3.33
C VAL B 135 7.34 20.79 -4.69
N CYS B 136 8.14 19.73 -4.71
CA CYS B 136 8.80 19.24 -5.93
C CYS B 136 8.36 17.81 -6.19
N LEU B 137 7.53 17.62 -7.20
CA LEU B 137 6.94 16.33 -7.51
C LEU B 137 7.69 15.70 -8.69
N ILE B 138 8.07 14.43 -8.53
CA ILE B 138 8.93 13.73 -9.47
C ILE B 138 8.20 12.47 -9.90
N SER B 139 7.96 12.33 -11.20
CA SER B 139 7.08 11.28 -11.70
C SER B 139 7.66 10.63 -12.95
N ASP B 140 7.28 9.37 -13.18
CA ASP B 140 7.50 8.67 -14.45
C ASP B 140 8.98 8.42 -14.73
N PHE B 141 9.77 8.13 -13.71
CA PHE B 141 11.16 7.77 -13.95
C PHE B 141 11.37 6.28 -13.79
N TYR B 142 12.43 5.77 -14.45
CA TYR B 142 12.81 4.36 -14.32
C TYR B 142 14.26 4.23 -14.72
N PRO B 143 15.08 3.48 -13.97
CA PRO B 143 14.72 2.76 -12.74
C PRO B 143 14.49 3.71 -11.54
N GLY B 144 14.28 3.16 -10.36
CA GLY B 144 13.70 3.91 -9.27
C GLY B 144 14.68 4.60 -8.33
N VAL B 145 15.86 4.95 -8.82
CA VAL B 145 16.88 5.64 -8.03
C VAL B 145 16.96 7.09 -8.52
N VAL B 146 16.70 8.04 -7.62
CA VAL B 146 16.94 9.46 -7.90
C VAL B 146 17.63 10.10 -6.70
N LYS B 147 18.40 11.15 -6.97
CA LYS B 147 18.91 12.03 -5.93
C LYS B 147 18.28 13.40 -6.11
N VAL B 148 17.79 13.98 -5.01
CA VAL B 148 17.11 15.29 -5.04
C VAL B 148 17.98 16.26 -4.27
N ALA B 149 18.36 17.36 -4.93
CA ALA B 149 19.11 18.43 -4.28
C ALA B 149 18.31 19.72 -4.40
N TRP B 150 18.31 20.52 -3.34
CA TRP B 150 17.69 21.84 -3.40
C TRP B 150 18.75 22.92 -3.43
N LYS B 151 18.43 24.03 -4.08
CA LYS B 151 19.38 25.14 -4.16
C LYS B 151 18.67 26.43 -3.81
N ALA B 152 19.41 27.33 -3.17
CA ALA B 152 18.97 28.69 -2.93
C ALA B 152 19.99 29.61 -3.60
N ASP B 153 19.53 30.41 -4.57
CA ASP B 153 20.41 31.21 -5.44
C ASP B 153 21.61 30.38 -5.90
N GLY B 154 21.32 29.17 -6.39
CA GLY B 154 22.35 28.32 -6.97
C GLY B 154 23.28 27.65 -5.97
N SER B 155 23.02 27.77 -4.66
CA SER B 155 23.87 27.22 -3.61
C SER B 155 23.13 26.10 -2.90
N ALA B 156 23.84 25.03 -2.57
CA ALA B 156 23.18 23.83 -2.02
C ALA B 156 22.55 24.10 -0.64
N VAL B 157 21.27 23.76 -0.51
CA VAL B 157 20.54 23.85 0.75
C VAL B 157 20.86 22.63 1.62
N ASN B 158 21.13 22.86 2.91
CA ASN B 158 21.54 21.80 3.81
C ASN B 158 20.51 21.47 4.89
N ALA B 159 19.39 22.18 4.95
CA ALA B 159 18.43 21.97 6.04
C ALA B 159 17.03 22.23 5.52
N GLY B 160 16.06 21.57 6.14
CA GLY B 160 14.67 21.78 5.83
C GLY B 160 14.11 20.89 4.74
N VAL B 161 14.90 19.94 4.22
CA VAL B 161 14.51 19.09 3.10
C VAL B 161 14.02 17.74 3.61
N GLU B 162 12.86 17.31 3.13
CA GLU B 162 12.37 15.96 3.38
C GLU B 162 11.91 15.37 2.04
N THR B 163 12.41 14.18 1.72
CA THR B 163 12.15 13.52 0.44
C THR B 163 11.63 12.12 0.68
N THR B 164 10.68 11.69 -0.12
CA THR B 164 10.16 10.34 0.04
C THR B 164 11.09 9.33 -0.60
N THR B 165 10.93 8.07 -0.21
CA THR B 165 11.52 7.01 -1.01
C THR B 165 10.71 6.85 -2.29
N PRO B 166 11.34 6.44 -3.39
CA PRO B 166 10.57 6.20 -4.61
C PRO B 166 9.56 5.10 -4.39
N SER B 167 8.44 5.21 -5.08
CA SER B 167 7.37 4.23 -4.94
C SER B 167 6.86 3.88 -6.33
N LYS B 168 6.54 2.60 -6.52
CA LYS B 168 6.11 2.12 -7.83
C LYS B 168 4.73 2.65 -8.18
N GLN B 169 4.60 3.19 -9.38
CA GLN B 169 3.34 3.64 -9.93
C GLN B 169 2.61 2.43 -10.54
N SER B 170 1.48 2.67 -11.19
CA SER B 170 0.78 1.58 -11.86
C SER B 170 1.56 1.09 -13.08
N ASN B 171 2.17 2.02 -13.83
CA ASN B 171 2.85 1.71 -15.09
C ASN B 171 4.27 1.19 -14.89
N ASN B 172 4.61 0.76 -13.68
CA ASN B 172 5.91 0.21 -13.33
C ASN B 172 6.99 1.29 -13.24
N LYS B 173 6.68 2.53 -13.65
CA LYS B 173 7.59 3.63 -13.38
C LYS B 173 7.49 4.04 -11.91
N TYR B 174 8.28 5.04 -11.52
CA TYR B 174 8.40 5.44 -10.13
C TYR B 174 8.00 6.90 -9.96
N ALA B 175 7.62 7.24 -8.73
CA ALA B 175 7.32 8.62 -8.36
C ALA B 175 7.94 8.91 -7.00
N ALA B 176 8.25 10.18 -6.77
CA ALA B 176 8.73 10.63 -5.47
C ALA B 176 8.39 12.10 -5.30
N SER B 177 8.51 12.57 -4.06
CA SER B 177 8.33 13.98 -3.82
C SER B 177 9.36 14.44 -2.79
N SER B 178 9.61 15.73 -2.82
CA SER B 178 10.56 16.37 -1.95
C SER B 178 9.96 17.70 -1.51
N TYR B 179 10.12 18.02 -0.23
CA TYR B 179 9.53 19.22 0.33
C TYR B 179 10.62 20.07 0.96
N LEU B 180 10.63 21.37 0.65
CA LEU B 180 11.50 22.34 1.34
C LEU B 180 10.62 23.22 2.22
N SER B 181 10.68 23.02 3.53
CA SER B 181 9.83 23.75 4.47
C SER B 181 10.61 24.94 5.05
N LEU B 182 10.21 26.13 4.65
CA LEU B 182 10.81 27.36 5.13
C LEU B 182 9.78 28.17 5.92
N THR B 183 10.27 29.24 6.53
CA THR B 183 9.40 30.33 6.96
C THR B 183 9.21 31.31 5.80
N SER B 184 8.18 32.15 5.93
CA SER B 184 7.98 33.20 4.93
C SER B 184 9.20 34.10 4.80
N ASP B 185 9.81 34.44 5.94
CA ASP B 185 11.01 35.27 5.89
C ASP B 185 12.16 34.56 5.18
N GLN B 186 12.32 33.25 5.44
CA GLN B 186 13.36 32.50 4.75
C GLN B 186 13.12 32.48 3.25
N TRP B 187 11.87 32.27 2.85
CA TRP B 187 11.49 32.30 1.44
C TRP B 187 11.85 33.64 0.79
N LYS B 188 11.62 34.75 1.48
CA LYS B 188 11.91 36.04 0.89
C LYS B 188 13.39 36.40 0.91
N SER B 189 14.20 35.64 1.64
CA SER B 189 15.61 36.00 1.78
C SER B 189 16.47 35.56 0.59
N HIS B 190 15.91 34.90 -0.41
CA HIS B 190 16.67 34.59 -1.61
C HIS B 190 15.87 34.94 -2.87
N LYS B 191 16.60 35.15 -3.96
CA LYS B 191 15.96 35.51 -5.22
C LYS B 191 15.39 34.31 -5.96
N SER B 192 15.93 33.12 -5.73
CA SER B 192 15.46 31.93 -6.43
C SER B 192 15.74 30.69 -5.60
N TYR B 193 14.87 29.70 -5.77
CA TYR B 193 15.05 28.37 -5.18
C TYR B 193 14.89 27.34 -6.29
N SER B 194 15.65 26.26 -6.23
CA SER B 194 15.52 25.27 -7.28
C SER B 194 15.53 23.86 -6.72
N CYS B 195 14.77 23.00 -7.38
CA CYS B 195 14.73 21.56 -7.12
C CYS B 195 15.45 20.88 -8.27
N GLN B 196 16.45 20.06 -7.96
CA GLN B 196 17.30 19.45 -8.99
C GLN B 196 17.33 17.96 -8.77
N VAL B 197 16.87 17.20 -9.78
CA VAL B 197 16.73 15.76 -9.67
C VAL B 197 17.80 15.12 -10.55
N THR B 198 18.61 14.26 -9.95
CA THR B 198 19.62 13.49 -10.67
C THR B 198 19.11 12.07 -10.85
N HIS B 199 19.23 11.54 -12.06
CA HIS B 199 18.74 10.20 -12.38
C HIS B 199 19.64 9.63 -13.45
N GLU B 200 20.34 8.53 -13.16
CA GLU B 200 21.20 7.88 -14.15
C GLU B 200 22.22 8.85 -14.73
N GLY B 201 22.86 9.66 -13.87
CA GLY B 201 23.93 10.51 -14.34
C GLY B 201 23.51 11.80 -15.02
N SER B 202 22.20 12.02 -15.22
CA SER B 202 21.69 13.24 -15.83
C SER B 202 20.71 13.92 -14.87
N THR B 203 20.51 15.24 -15.06
CA THR B 203 19.73 16.01 -14.10
C THR B 203 18.67 16.84 -14.80
N VAL B 204 17.57 17.04 -14.07
CA VAL B 204 16.49 17.94 -14.46
C VAL B 204 16.31 18.91 -13.30
N GLU B 205 16.28 20.22 -13.60
CA GLU B 205 16.14 21.25 -12.56
C GLU B 205 14.96 22.17 -12.85
N LYS B 206 14.18 22.46 -11.81
CA LYS B 206 13.13 23.48 -11.91
C LYS B 206 13.42 24.59 -10.91
N THR B 207 13.09 25.83 -11.27
CA THR B 207 13.36 26.97 -10.39
C THR B 207 12.08 27.76 -10.17
N VAL B 208 11.95 28.38 -9.00
CA VAL B 208 10.90 29.37 -8.74
C VAL B 208 11.51 30.59 -8.08
N ALA B 209 10.87 31.75 -8.27
CA ALA B 209 11.37 33.01 -7.73
C ALA B 209 10.31 33.69 -6.88
N PRO B 210 10.64 34.10 -5.65
CA PRO B 210 9.63 34.80 -4.83
C PRO B 210 9.15 36.10 -5.45
N ALA B 211 10.06 36.88 -6.01
CA ALA B 211 9.74 38.21 -6.55
C ALA B 211 9.07 38.05 -7.91
N GLU B 212 7.83 37.54 -7.88
CA GLU B 212 7.06 37.12 -9.05
C GLU B 212 7.85 36.14 -9.92
N ASP C 1 -0.39 -41.13 1.37
CA ASP C 1 -1.06 -40.26 0.40
C ASP C 1 -1.22 -38.85 0.98
N LYS C 2 -0.70 -37.86 0.25
CA LYS C 2 -0.62 -36.51 0.81
C LYS C 2 -2.01 -35.95 1.11
N LYS C 3 -2.93 -36.03 0.15
CA LYS C 3 -4.25 -35.45 0.35
C LYS C 3 -4.96 -36.07 1.56
N GLN C 4 -4.87 -37.40 1.71
CA GLN C 4 -5.49 -38.08 2.85
C GLN C 4 -4.90 -37.59 4.17
N LYS C 5 -3.58 -37.38 4.23
CA LYS C 5 -2.97 -36.90 5.45
C LYS C 5 -3.37 -35.45 5.72
N VAL C 6 -3.36 -34.60 4.69
CA VAL C 6 -3.77 -33.20 4.88
C VAL C 6 -5.21 -33.14 5.39
N HIS C 7 -6.11 -33.90 4.75
CA HIS C 7 -7.50 -33.92 5.18
C HIS C 7 -7.63 -34.29 6.65
N ALA C 8 -6.87 -35.30 7.10
CA ALA C 8 -6.93 -35.70 8.50
C ALA C 8 -6.64 -34.52 9.42
N LEU C 9 -5.64 -33.70 9.06
CA LEU C 9 -5.35 -32.52 9.85
C LEU C 9 -6.51 -31.54 9.82
N PHE C 10 -7.07 -31.29 8.63
CA PHE C 10 -8.12 -30.27 8.54
C PHE C 10 -9.44 -30.74 9.15
N TYR C 11 -9.74 -32.03 9.08
CA TYR C 11 -10.95 -32.53 9.74
C TYR C 11 -10.94 -32.22 11.23
N LYS C 12 -9.75 -32.27 11.83
CA LYS C 12 -9.58 -31.99 13.25
C LYS C 12 -9.80 -30.52 13.56
N LEU C 13 -9.47 -29.64 12.60
CA LEU C 13 -9.74 -28.21 12.74
C LEU C 13 -11.24 -27.93 12.77
N ASP C 14 -12.00 -28.60 11.90
CA ASP C 14 -13.46 -28.53 11.85
C ASP C 14 -13.95 -27.11 11.53
N ILE C 15 -13.45 -26.57 10.41
CA ILE C 15 -13.72 -25.19 10.03
C ILE C 15 -14.65 -25.05 8.82
N VAL C 16 -14.90 -26.12 8.08
CA VAL C 16 -15.74 -26.05 6.89
C VAL C 16 -16.72 -27.22 6.91
N PRO C 17 -17.85 -27.12 6.21
CA PRO C 17 -18.86 -28.18 6.29
C PRO C 17 -18.34 -29.47 5.71
N ILE C 18 -18.84 -30.57 6.25
CA ILE C 18 -18.39 -31.90 5.89
C ILE C 18 -19.28 -32.50 4.81
#